data_1VOL
#
_entry.id   1VOL
#
_cell.length_a   69.900
_cell.length_b   78.000
_cell.length_c   134.700
_cell.angle_alpha   90.00
_cell.angle_beta   90.00
_cell.angle_gamma   90.00
#
_symmetry.space_group_name_H-M   'P 21 21 21'
#
loop_
_entity.id
_entity.type
_entity.pdbx_description
1 polymer "DNA (5'-D(*GP*GP*CP*TP*AP*TP*AP*AP*AP*AP*GP*GP*GP*CP*TP*G)-3')"
2 polymer "DNA (5'-D(*CP*AP*GP*CP*CP*CP*TP*TP*TP*TP*AP*TP*AP*GP*CP*C)-3')"
3 polymer 'PROTEIN (TRANSCRIPTION FACTOR IIB (TFIIB))'
4 polymer 'PROTEIN (TATA BINDING PROTEIN (TBP))'
#
loop_
_entity_poly.entity_id
_entity_poly.type
_entity_poly.pdbx_seq_one_letter_code
_entity_poly.pdbx_strand_id
1 'polydeoxyribonucleotide' (DG)(DG)(DC)(DT)(DA)(DT)(DA)(DA)(DA)(DA)(DG)(DG)(DG)(DC)(DT)(DG) C
2 'polydeoxyribonucleotide' (DC)(DA)(DG)(DC)(DC)(DC)(DT)(DT)(DT)(DT)(DA)(DT)(DA)(DG)(DC)(DC) D
3 'polypeptide(L)'
;AMMNAFKEITTMADRINLPRNKVDRTNNLFRQAYEQKSLKGRANDAIASACLYIACRQEGVPRTFKEICAVSRISKKEIG
RCFKLILKALETSVDLITTGDFMSRFCSNLCLPKQVQMAATHIARKAVELDLVPGRSPISVAAAAIYMASQASAEKRTQK
EIGDIAGVADVTIRQSYRLIYPRAPDLFPTDFKFDTPVDKLPQL
;
A
4 'polypeptide(L)'
;MTDQGLEGSNPVDLSKHPSGIVPTLQNIVSTVNLDCKLDLKAIALQARNAEYNPKRFAAVIMRIREPKTTALIFASGKMV
CTGAKSEDFSKMAARKYARIVQKLGFPAKFKDFKIQNIVGSCDVKFPIRLEGLAYSHAAFSSYEPELFPGLIYRMKVPKI
VLLIFVSGKIVITGAKMRDETYKAFENIYPVLSEFRKIQQ
;
B
#
loop_
_chem_comp.id
_chem_comp.type
_chem_comp.name
_chem_comp.formula
DA DNA linking 2'-DEOXYADENOSINE-5'-MONOPHOSPHATE 'C10 H14 N5 O6 P'
DC DNA linking 2'-DEOXYCYTIDINE-5'-MONOPHOSPHATE 'C9 H14 N3 O7 P'
DG DNA linking 2'-DEOXYGUANOSINE-5'-MONOPHOSPHATE 'C10 H14 N5 O7 P'
DT DNA linking THYMIDINE-5'-MONOPHOSPHATE 'C10 H15 N2 O8 P'
#
# COMPACT_ATOMS: atom_id res chain seq x y z
N ALA C 1 -24.53 -19.82 0.60
CA ALA C 1 -23.51 -18.79 0.72
C ALA C 1 -22.13 -19.42 0.58
N MET C 2 -21.93 -20.55 1.27
CA MET C 2 -20.68 -21.30 1.24
C MET C 2 -20.60 -22.28 0.07
N MET C 3 -21.59 -23.16 -0.07
CA MET C 3 -21.58 -24.10 -1.18
C MET C 3 -21.58 -23.36 -2.51
N ASN C 4 -22.56 -22.49 -2.74
CA ASN C 4 -22.61 -21.73 -3.99
C ASN C 4 -21.33 -20.91 -4.17
N ALA C 5 -20.66 -20.58 -3.07
CA ALA C 5 -19.41 -19.84 -3.13
C ALA C 5 -18.36 -20.73 -3.79
N PHE C 6 -18.32 -21.99 -3.37
CA PHE C 6 -17.40 -22.98 -3.92
C PHE C 6 -17.74 -23.23 -5.39
N LYS C 7 -19.01 -23.01 -5.76
CA LYS C 7 -19.48 -23.19 -7.15
C LYS C 7 -18.67 -22.24 -8.04
N GLU C 8 -18.53 -21.01 -7.55
CA GLU C 8 -17.80 -19.98 -8.24
C GLU C 8 -16.28 -20.20 -8.13
N ILE C 9 -15.80 -20.56 -6.94
CA ILE C 9 -14.37 -20.80 -6.76
C ILE C 9 -13.88 -21.73 -7.85
N THR C 10 -14.59 -22.84 -8.06
CA THR C 10 -14.17 -23.81 -9.09
C THR C 10 -14.13 -23.16 -10.46
N THR C 11 -15.12 -22.31 -10.74
CA THR C 11 -15.18 -21.63 -12.01
C THR C 11 -13.95 -20.77 -12.15
N MET C 12 -13.63 -20.05 -11.08
CA MET C 12 -12.45 -19.19 -11.08
C MET C 12 -11.26 -20.08 -11.41
N ALA C 13 -10.99 -21.01 -10.52
CA ALA C 13 -9.88 -21.94 -10.66
C ALA C 13 -9.69 -22.41 -12.10
N ASP C 14 -10.75 -22.97 -12.68
CA ASP C 14 -10.73 -23.50 -14.04
C ASP C 14 -10.27 -22.52 -15.09
N ARG C 15 -10.88 -21.34 -15.09
CA ARG C 15 -10.54 -20.34 -16.09
C ARG C 15 -9.04 -20.06 -16.17
N ILE C 16 -8.38 -19.95 -15.01
CA ILE C 16 -6.96 -19.63 -14.98
C ILE C 16 -6.05 -20.85 -14.90
N ASN C 17 -6.66 -22.04 -15.08
CA ASN C 17 -5.94 -23.33 -15.12
C ASN C 17 -5.39 -23.94 -13.85
N LEU C 18 -6.06 -23.72 -12.72
CA LEU C 18 -5.56 -24.27 -11.46
C LEU C 18 -5.98 -25.72 -11.20
N PRO C 19 -5.00 -26.58 -10.89
CA PRO C 19 -5.24 -28.00 -10.61
C PRO C 19 -5.85 -28.15 -9.22
N ARG C 20 -6.13 -29.39 -8.82
CA ARG C 20 -6.74 -29.65 -7.53
C ARG C 20 -6.12 -28.96 -6.32
N ASN C 21 -4.79 -29.00 -6.19
CA ASN C 21 -4.14 -28.41 -5.03
C ASN C 21 -4.69 -27.08 -4.49
N LYS C 22 -4.34 -25.97 -5.13
CA LYS C 22 -4.82 -24.69 -4.65
C LYS C 22 -6.33 -24.56 -4.68
N VAL C 23 -6.96 -25.21 -5.67
CA VAL C 23 -8.43 -25.19 -5.83
C VAL C 23 -9.14 -25.80 -4.64
N ASP C 24 -8.49 -26.76 -4.00
CA ASP C 24 -9.09 -27.39 -2.84
C ASP C 24 -8.77 -26.50 -1.65
N ARG C 25 -7.49 -26.17 -1.49
CA ARG C 25 -7.02 -25.32 -0.40
C ARG C 25 -7.81 -24.01 -0.30
N THR C 26 -8.23 -23.44 -1.43
CA THR C 26 -9.01 -22.21 -1.37
C THR C 26 -10.39 -22.41 -0.69
N ASN C 27 -10.95 -23.63 -0.80
CA ASN C 27 -12.24 -23.95 -0.18
C ASN C 27 -12.00 -24.08 1.32
N ASN C 28 -10.89 -24.75 1.67
CA ASN C 28 -10.51 -24.97 3.06
C ASN C 28 -10.23 -23.63 3.74
N LEU C 29 -9.68 -22.69 3.00
CA LEU C 29 -9.43 -21.36 3.55
C LEU C 29 -10.80 -20.72 3.73
N PHE C 30 -11.61 -20.75 2.68
CA PHE C 30 -12.95 -20.14 2.67
C PHE C 30 -13.89 -20.69 3.72
N ARG C 31 -13.80 -21.99 4.01
CA ARG C 31 -14.67 -22.57 5.01
C ARG C 31 -14.29 -22.02 6.38
N GLN C 32 -12.99 -21.80 6.59
CA GLN C 32 -12.48 -21.24 7.84
C GLN C 32 -12.86 -19.77 8.00
N ALA C 33 -12.82 -19.01 6.91
CA ALA C 33 -13.19 -17.59 6.95
C ALA C 33 -14.72 -17.49 7.05
N TYR C 34 -15.33 -18.52 7.61
CA TYR C 34 -16.76 -18.58 7.84
C TYR C 34 -16.87 -18.95 9.30
N GLU C 35 -16.04 -19.89 9.72
CA GLU C 35 -16.00 -20.26 11.12
C GLU C 35 -15.20 -19.08 11.76
N GLN C 36 -13.88 -19.10 11.62
CA GLN C 36 -12.98 -18.05 12.13
C GLN C 36 -13.08 -16.86 11.16
N LYS C 37 -14.31 -16.37 10.96
CA LYS C 37 -14.58 -15.31 10.01
C LYS C 37 -14.20 -13.87 10.26
N SER C 38 -15.18 -13.07 10.71
CA SER C 38 -15.01 -11.63 10.97
C SER C 38 -14.87 -10.88 9.61
N LEU C 39 -15.40 -11.51 8.55
CA LEU C 39 -15.33 -10.93 7.21
C LEU C 39 -16.69 -10.35 6.82
N LYS C 40 -17.43 -9.97 7.85
CA LYS C 40 -18.78 -9.40 7.80
C LYS C 40 -19.46 -9.00 6.48
N GLY C 41 -19.48 -7.71 6.17
CA GLY C 41 -20.16 -7.27 4.97
C GLY C 41 -19.42 -7.51 3.67
N ARG C 42 -18.35 -8.31 3.71
CA ARG C 42 -17.55 -8.58 2.53
C ARG C 42 -18.21 -9.58 1.57
N ALA C 43 -18.05 -9.35 0.27
CA ALA C 43 -18.64 -10.21 -0.76
C ALA C 43 -18.22 -11.63 -0.48
N ASN C 44 -19.16 -12.56 -0.57
CA ASN C 44 -18.82 -13.95 -0.32
C ASN C 44 -17.87 -14.44 -1.39
N ASP C 45 -17.97 -13.88 -2.59
CA ASP C 45 -17.05 -14.25 -3.64
C ASP C 45 -15.88 -13.26 -3.69
N ALA C 46 -15.73 -12.47 -2.63
CA ALA C 46 -14.61 -11.53 -2.48
C ALA C 46 -13.74 -12.30 -1.49
N ILE C 47 -14.38 -12.85 -0.47
CA ILE C 47 -13.73 -13.69 0.52
C ILE C 47 -13.16 -14.88 -0.26
N ALA C 48 -13.91 -15.30 -1.27
CA ALA C 48 -13.52 -16.40 -2.14
C ALA C 48 -12.28 -16.00 -2.94
N SER C 49 -12.40 -14.98 -3.79
CA SER C 49 -11.28 -14.54 -4.62
C SER C 49 -10.02 -14.42 -3.78
N ALA C 50 -10.05 -13.59 -2.75
CA ALA C 50 -8.90 -13.43 -1.88
C ALA C 50 -8.40 -14.79 -1.42
N CYS C 51 -9.31 -15.69 -1.07
CA CYS C 51 -8.84 -17.02 -0.67
C CYS C 51 -8.10 -17.67 -1.83
N LEU C 52 -8.63 -17.57 -3.05
CA LEU C 52 -7.94 -18.16 -4.20
C LEU C 52 -6.93 -17.16 -4.67
N TYR C 53 -6.19 -16.66 -3.70
CA TYR C 53 -5.13 -15.71 -3.96
C TYR C 53 -4.18 -16.06 -2.86
N ILE C 54 -4.68 -16.14 -1.63
CA ILE C 54 -3.77 -16.48 -0.56
C ILE C 54 -3.41 -17.93 -0.73
N ALA C 55 -4.24 -18.65 -1.48
CA ALA C 55 -3.97 -20.06 -1.77
C ALA C 55 -2.79 -20.23 -2.76
N CYS C 56 -2.94 -19.72 -3.98
CA CYS C 56 -1.88 -19.87 -4.96
C CYS C 56 -0.51 -19.60 -4.36
N ARG C 57 -0.42 -18.57 -3.54
CA ARG C 57 0.83 -18.18 -2.91
C ARG C 57 1.37 -19.10 -1.85
N GLN C 58 0.46 -19.79 -1.16
CA GLN C 58 0.82 -20.71 -0.11
C GLN C 58 1.20 -22.04 -0.70
N GLU C 59 0.87 -22.18 -1.97
CA GLU C 59 1.21 -23.36 -2.70
C GLU C 59 2.59 -23.16 -3.33
N GLY C 60 3.15 -21.97 -3.17
CA GLY C 60 4.45 -21.67 -3.76
C GLY C 60 4.31 -21.22 -5.20
N VAL C 61 3.07 -21.11 -5.67
CA VAL C 61 2.83 -20.70 -7.03
C VAL C 61 1.75 -19.64 -7.06
N PRO C 62 2.16 -18.37 -6.93
CA PRO C 62 1.29 -17.20 -6.92
C PRO C 62 1.10 -16.53 -8.23
N ARG C 63 -0.03 -15.86 -8.39
CA ARG C 63 -0.29 -15.09 -9.58
C ARG C 63 -0.64 -13.72 -9.07
N THR C 64 -0.42 -12.75 -9.90
CA THR C 64 -0.66 -11.38 -9.55
C THR C 64 -2.14 -11.15 -9.19
N PHE C 65 -2.40 -10.01 -8.54
CA PHE C 65 -3.76 -9.66 -8.17
C PHE C 65 -4.54 -9.49 -9.45
N LYS C 66 -3.95 -8.80 -10.43
CA LYS C 66 -4.61 -8.60 -11.72
C LYS C 66 -5.04 -9.95 -12.35
N GLU C 67 -4.23 -10.99 -12.15
CA GLU C 67 -4.56 -12.31 -12.69
C GLU C 67 -5.85 -12.91 -12.11
N ILE C 68 -6.03 -12.82 -10.80
CA ILE C 68 -7.21 -13.35 -10.14
C ILE C 68 -8.43 -12.55 -10.55
N CYS C 69 -8.27 -11.23 -10.55
CA CYS C 69 -9.37 -10.31 -10.86
C CYS C 69 -9.95 -10.61 -12.23
N ALA C 70 -9.06 -10.94 -13.17
CA ALA C 70 -9.43 -11.22 -14.56
C ALA C 70 -10.10 -12.58 -14.71
N VAL C 71 -10.76 -13.00 -13.64
CA VAL C 71 -11.46 -14.26 -13.55
C VAL C 71 -12.44 -14.09 -12.38
N SER C 72 -12.54 -12.85 -11.86
CA SER C 72 -13.35 -12.56 -10.66
C SER C 72 -14.57 -11.61 -10.61
N ARG C 73 -14.34 -10.33 -10.92
CA ARG C 73 -15.34 -9.21 -10.90
C ARG C 73 -15.10 -8.30 -9.70
N ILE C 74 -14.82 -8.90 -8.54
CA ILE C 74 -14.51 -8.15 -7.34
C ILE C 74 -13.21 -7.45 -7.64
N SER C 75 -13.22 -6.13 -7.49
CA SER C 75 -12.04 -5.29 -7.76
C SER C 75 -10.71 -5.79 -7.16
N LYS C 76 -9.60 -5.29 -7.71
CA LYS C 76 -8.30 -5.66 -7.18
C LYS C 76 -8.33 -5.20 -5.74
N LYS C 77 -8.96 -4.04 -5.52
CA LYS C 77 -9.09 -3.46 -4.19
C LYS C 77 -9.62 -4.45 -3.22
N GLU C 78 -10.87 -4.86 -3.38
CA GLU C 78 -11.43 -5.81 -2.44
C GLU C 78 -10.63 -7.08 -2.18
N ILE C 79 -10.01 -7.65 -3.22
CA ILE C 79 -9.20 -8.87 -3.08
C ILE C 79 -7.90 -8.48 -2.36
N GLY C 80 -7.53 -7.21 -2.45
CA GLY C 80 -6.34 -6.78 -1.75
C GLY C 80 -6.70 -6.65 -0.29
N ARG C 81 -7.88 -6.07 -0.03
CA ARG C 81 -8.46 -5.80 1.31
C ARG C 81 -8.86 -7.02 2.11
N CYS C 82 -9.75 -7.84 1.55
CA CYS C 82 -10.16 -9.05 2.24
C CYS C 82 -8.94 -9.97 2.40
N PHE C 83 -7.98 -9.86 1.49
CA PHE C 83 -6.74 -10.65 1.54
C PHE C 83 -6.05 -10.30 2.84
N LYS C 84 -5.84 -9.01 3.05
CA LYS C 84 -5.18 -8.56 4.28
C LYS C 84 -6.00 -9.00 5.49
N LEU C 85 -7.31 -8.72 5.47
CA LEU C 85 -8.20 -9.11 6.55
C LEU C 85 -8.09 -10.59 6.89
N ILE C 86 -8.09 -11.42 5.85
CA ILE C 86 -8.03 -12.88 5.96
C ILE C 86 -6.76 -13.39 6.60
N LEU C 87 -5.61 -12.82 6.23
CA LEU C 87 -4.35 -13.26 6.81
C LEU C 87 -4.36 -13.02 8.32
N LYS C 88 -4.83 -11.83 8.71
CA LYS C 88 -4.91 -11.42 10.12
C LYS C 88 -5.87 -12.32 10.90
N ALA C 89 -7.07 -12.50 10.35
CA ALA C 89 -8.12 -13.31 10.95
C ALA C 89 -7.58 -14.66 11.29
N LEU C 90 -7.13 -15.35 10.26
CA LEU C 90 -6.57 -16.70 10.38
C LEU C 90 -5.18 -16.78 10.98
N GLU C 91 -4.64 -15.65 11.43
CA GLU C 91 -3.32 -15.59 12.05
C GLU C 91 -2.20 -16.20 11.17
N THR C 92 -2.32 -16.02 9.84
CA THR C 92 -1.36 -16.58 8.86
C THR C 92 -0.82 -15.53 7.90
N SER C 93 0.35 -15.81 7.32
CA SER C 93 0.94 -14.91 6.34
C SER C 93 1.66 -15.72 5.27
N VAL C 94 2.08 -15.00 4.24
CA VAL C 94 2.75 -15.59 3.10
C VAL C 94 4.27 -15.33 2.91
N ASP C 95 4.79 -15.53 1.69
CA ASP C 95 6.23 -15.44 1.44
C ASP C 95 6.85 -14.33 0.62
N LEU C 96 6.11 -13.31 0.29
CA LEU C 96 6.71 -12.17 -0.42
C LEU C 96 6.65 -12.01 -1.92
N ILE C 97 6.75 -13.09 -2.69
CA ILE C 97 6.63 -12.92 -4.14
C ILE C 97 7.91 -12.32 -4.72
N THR C 98 8.48 -13.00 -5.70
CA THR C 98 9.72 -12.49 -6.23
C THR C 98 9.86 -12.50 -7.73
N THR C 99 10.99 -12.00 -8.17
CA THR C 99 11.33 -11.92 -9.59
C THR C 99 11.02 -13.27 -10.22
N GLY C 100 11.82 -14.26 -9.86
CA GLY C 100 11.63 -15.57 -10.41
C GLY C 100 10.42 -16.30 -9.88
N ASP C 101 9.26 -15.67 -9.90
CA ASP C 101 8.05 -16.30 -9.40
C ASP C 101 7.01 -16.36 -10.46
N PHE C 102 7.06 -15.36 -11.35
CA PHE C 102 6.11 -15.23 -12.45
C PHE C 102 6.80 -15.49 -13.77
N MET C 103 8.11 -15.65 -13.73
CA MET C 103 8.91 -15.89 -14.92
C MET C 103 8.44 -17.07 -15.76
N SER C 104 8.09 -18.16 -15.09
CA SER C 104 7.58 -19.32 -15.82
C SER C 104 6.33 -18.92 -16.59
N ARG C 105 5.26 -18.62 -15.88
CA ARG C 105 4.02 -18.25 -16.51
C ARG C 105 4.16 -17.11 -17.51
N PHE C 106 4.62 -15.93 -17.08
CA PHE C 106 4.76 -14.80 -18.00
C PHE C 106 5.40 -15.22 -19.31
N CYS C 107 6.49 -15.99 -19.21
CA CYS C 107 7.19 -16.47 -20.41
C CYS C 107 6.34 -17.44 -21.26
N SER C 108 5.62 -18.35 -20.63
CA SER C 108 4.79 -19.28 -21.38
C SER C 108 3.70 -18.53 -22.18
N ASN C 109 3.05 -17.54 -21.56
CA ASN C 109 1.99 -16.80 -22.24
C ASN C 109 2.59 -15.95 -23.28
N LEU C 110 3.81 -15.51 -23.03
CA LEU C 110 4.53 -14.73 -23.99
C LEU C 110 5.03 -15.63 -25.14
N CYS C 111 5.07 -16.94 -24.90
CA CYS C 111 5.51 -17.92 -25.90
C CYS C 111 7.02 -17.91 -26.20
N LEU C 112 7.83 -17.62 -25.21
CA LEU C 112 9.27 -17.60 -25.43
C LEU C 112 9.85 -18.96 -25.04
N PRO C 113 11.11 -19.24 -25.47
CA PRO C 113 11.79 -20.52 -25.18
C PRO C 113 12.48 -20.54 -23.83
N LYS C 114 12.84 -21.73 -23.38
CA LYS C 114 13.50 -21.95 -22.10
C LYS C 114 14.73 -21.06 -22.00
N GLN C 115 15.35 -20.78 -23.15
CA GLN C 115 16.54 -19.91 -23.21
C GLN C 115 16.26 -18.54 -22.67
N VAL C 116 15.24 -17.91 -23.24
CA VAL C 116 14.84 -16.60 -22.83
C VAL C 116 14.36 -16.62 -21.38
N GLN C 117 13.57 -17.62 -21.01
CA GLN C 117 13.12 -17.65 -19.63
C GLN C 117 14.28 -17.60 -18.64
N MET C 118 15.21 -18.52 -18.80
CA MET C 118 16.38 -18.63 -17.91
C MET C 118 17.22 -17.38 -17.73
N ALA C 119 17.43 -16.64 -18.83
CA ALA C 119 18.22 -15.41 -18.84
C ALA C 119 17.47 -14.25 -18.18
N ALA C 120 16.17 -14.15 -18.47
CA ALA C 120 15.33 -13.13 -17.86
C ALA C 120 15.41 -13.43 -16.38
N THR C 121 15.24 -14.70 -16.02
CA THR C 121 15.31 -15.14 -14.63
C THR C 121 16.68 -14.91 -13.97
N HIS C 122 17.74 -14.79 -14.75
CA HIS C 122 19.03 -14.56 -14.13
C HIS C 122 19.35 -13.11 -14.06
N ILE C 123 18.76 -12.36 -14.99
CA ILE C 123 18.92 -10.94 -15.09
C ILE C 123 18.16 -10.34 -13.89
N ALA C 124 16.88 -10.64 -13.78
CA ALA C 124 16.05 -10.14 -12.69
C ALA C 124 16.69 -10.40 -11.32
N ARG C 125 17.24 -11.59 -11.07
CA ARG C 125 17.87 -11.85 -9.77
C ARG C 125 19.10 -11.00 -9.54
N LYS C 126 19.89 -10.79 -10.58
CA LYS C 126 21.06 -9.95 -10.43
C LYS C 126 20.65 -8.50 -10.39
N ALA C 127 19.52 -8.14 -10.99
CA ALA C 127 19.08 -6.74 -10.97
C ALA C 127 18.89 -6.43 -9.49
N VAL C 128 18.24 -7.36 -8.79
CA VAL C 128 17.97 -7.22 -7.38
C VAL C 128 19.24 -7.37 -6.57
N GLU C 129 20.02 -8.38 -6.89
CA GLU C 129 21.27 -8.62 -6.19
C GLU C 129 22.14 -7.37 -6.30
N LEU C 130 22.07 -6.69 -7.44
CA LEU C 130 22.88 -5.48 -7.65
C LEU C 130 22.16 -4.22 -7.21
N ASP C 131 20.97 -4.39 -6.62
CA ASP C 131 20.11 -3.30 -6.12
C ASP C 131 19.90 -2.17 -7.13
N LEU C 132 19.79 -2.57 -8.39
CA LEU C 132 19.62 -1.65 -9.49
C LEU C 132 18.24 -1.03 -9.57
N VAL C 133 17.26 -1.66 -8.93
CA VAL C 133 15.85 -1.20 -8.97
C VAL C 133 15.26 -1.11 -7.58
N PRO C 134 15.76 -0.18 -6.77
CA PRO C 134 15.43 0.13 -5.38
C PRO C 134 14.05 -0.18 -4.85
N GLY C 135 13.04 0.57 -5.27
CA GLY C 135 11.72 0.26 -4.75
C GLY C 135 10.72 -0.18 -5.80
N ARG C 136 11.19 -0.91 -6.79
CA ARG C 136 10.29 -1.30 -7.83
C ARG C 136 9.52 -2.59 -7.48
N SER C 137 8.28 -2.69 -7.92
CA SER C 137 7.47 -3.87 -7.70
C SER C 137 8.11 -5.06 -8.45
N PRO C 138 8.32 -6.20 -7.78
CA PRO C 138 8.92 -7.36 -8.43
C PRO C 138 8.32 -7.69 -9.80
N ILE C 139 7.02 -7.49 -9.96
CA ILE C 139 6.33 -7.75 -11.25
C ILE C 139 6.96 -6.87 -12.33
N SER C 140 7.23 -5.63 -11.95
CA SER C 140 7.81 -4.67 -12.86
C SER C 140 9.19 -5.11 -13.23
N VAL C 141 10.01 -5.42 -12.23
CA VAL C 141 11.38 -5.84 -12.47
C VAL C 141 11.35 -7.02 -13.43
N ALA C 142 10.59 -8.05 -13.08
CA ALA C 142 10.45 -9.25 -13.91
C ALA C 142 10.07 -8.87 -15.35
N ALA C 143 8.98 -8.12 -15.54
CA ALA C 143 8.58 -7.74 -16.89
C ALA C 143 9.72 -6.98 -17.56
N ALA C 144 10.46 -6.18 -16.80
CA ALA C 144 11.59 -5.46 -17.40
C ALA C 144 12.64 -6.44 -17.92
N ALA C 145 13.12 -7.32 -17.02
CA ALA C 145 14.15 -8.33 -17.31
C ALA C 145 13.78 -9.22 -18.48
N ILE C 146 12.50 -9.59 -18.55
CA ILE C 146 11.95 -10.41 -19.63
C ILE C 146 12.11 -9.64 -20.98
N TYR C 147 12.10 -8.31 -20.92
CA TYR C 147 12.26 -7.47 -22.10
C TYR C 147 13.74 -7.41 -22.49
N MET C 148 14.63 -7.36 -21.51
CA MET C 148 16.05 -7.32 -21.86
C MET C 148 16.36 -8.66 -22.51
N ALA C 149 16.10 -9.73 -21.76
CA ALA C 149 16.36 -11.08 -22.23
C ALA C 149 15.83 -11.28 -23.62
N SER C 150 14.52 -11.32 -23.77
CA SER C 150 13.95 -11.50 -25.09
C SER C 150 14.50 -10.58 -26.20
N GLN C 151 14.67 -9.29 -25.95
CA GLN C 151 15.18 -8.38 -26.98
C GLN C 151 16.60 -8.74 -27.44
N ALA C 152 17.32 -9.49 -26.60
CA ALA C 152 18.70 -9.89 -26.91
C ALA C 152 18.80 -11.25 -27.56
N SER C 153 17.63 -11.84 -27.83
CA SER C 153 17.51 -13.14 -28.45
C SER C 153 16.84 -12.93 -29.80
N ALA C 154 16.27 -13.98 -30.36
CA ALA C 154 15.56 -13.84 -31.63
C ALA C 154 14.20 -13.48 -31.13
N GLU C 155 13.44 -14.50 -30.70
CA GLU C 155 12.08 -14.37 -30.19
C GLU C 155 11.92 -13.19 -29.27
N LYS C 156 11.68 -12.02 -29.85
CA LYS C 156 11.50 -10.81 -29.06
C LYS C 156 10.01 -10.57 -28.88
N ARG C 157 9.66 -9.74 -27.90
CA ARG C 157 8.28 -9.34 -27.62
C ARG C 157 8.41 -7.90 -27.19
N THR C 158 7.41 -7.10 -27.51
CA THR C 158 7.44 -5.68 -27.19
C THR C 158 7.02 -5.37 -25.78
N GLN C 159 7.22 -4.12 -25.36
CA GLN C 159 6.78 -3.75 -24.03
C GLN C 159 5.26 -3.90 -23.93
N LYS C 160 4.52 -3.67 -25.02
CA LYS C 160 3.08 -3.83 -24.98
C LYS C 160 2.70 -5.28 -24.87
N GLU C 161 3.59 -6.15 -25.35
CA GLU C 161 3.33 -7.58 -25.30
C GLU C 161 3.72 -8.11 -23.94
N ILE C 162 4.84 -7.61 -23.42
CA ILE C 162 5.25 -8.09 -22.12
C ILE C 162 4.30 -7.50 -21.07
N GLY C 163 4.16 -6.18 -21.07
CA GLY C 163 3.26 -5.50 -20.16
C GLY C 163 1.90 -6.16 -20.15
N ASP C 164 1.37 -6.47 -21.31
CA ASP C 164 0.08 -7.14 -21.45
C ASP C 164 -0.05 -8.46 -20.69
N ILE C 165 1.01 -9.25 -20.64
CA ILE C 165 0.97 -10.53 -19.96
C ILE C 165 1.37 -10.41 -18.48
N ALA C 166 2.38 -9.59 -18.21
CA ALA C 166 2.88 -9.36 -16.86
C ALA C 166 1.84 -8.61 -16.05
N GLY C 167 0.97 -7.93 -16.78
CA GLY C 167 -0.09 -7.15 -16.18
C GLY C 167 0.42 -5.79 -15.74
N VAL C 168 1.42 -5.26 -16.44
CA VAL C 168 1.97 -3.97 -16.08
C VAL C 168 1.82 -3.04 -17.27
N ALA C 169 2.32 -1.83 -17.17
CA ALA C 169 2.20 -0.89 -18.27
C ALA C 169 3.57 -0.55 -18.86
N ASP C 170 3.63 -0.51 -20.19
CA ASP C 170 4.86 -0.20 -20.89
C ASP C 170 5.70 0.87 -20.20
N VAL C 171 5.01 1.92 -19.78
CA VAL C 171 5.65 3.03 -19.11
C VAL C 171 6.50 2.48 -17.98
N THR C 172 5.82 1.70 -17.13
CA THR C 172 6.42 1.08 -15.96
C THR C 172 7.58 0.15 -16.28
N ILE C 173 7.40 -0.68 -17.32
CA ILE C 173 8.41 -1.64 -17.76
C ILE C 173 9.61 -0.85 -18.26
N ARG C 174 9.33 0.27 -18.91
CA ARG C 174 10.37 1.12 -19.42
C ARG C 174 11.16 1.64 -18.24
N GLN C 175 10.45 2.01 -17.19
CA GLN C 175 11.09 2.54 -16.00
C GLN C 175 12.10 1.61 -15.37
N SER C 176 11.74 0.35 -15.20
CA SER C 176 12.71 -0.55 -14.63
C SER C 176 13.76 -0.91 -15.67
N TYR C 177 13.32 -1.20 -16.89
CA TYR C 177 14.23 -1.58 -17.95
C TYR C 177 15.41 -0.63 -18.03
N ARG C 178 15.08 0.66 -18.14
CA ARG C 178 16.09 1.70 -18.25
C ARG C 178 16.99 1.79 -17.04
N LEU C 179 16.53 1.23 -15.94
CA LEU C 179 17.30 1.23 -14.69
C LEU C 179 18.33 0.11 -14.70
N ILE C 180 17.97 -0.99 -15.35
CA ILE C 180 18.88 -2.12 -15.41
C ILE C 180 19.72 -2.18 -16.64
N TYR C 181 19.26 -1.54 -17.73
CA TYR C 181 20.00 -1.50 -19.01
C TYR C 181 21.49 -1.15 -18.85
N PRO C 182 21.82 -0.10 -18.06
CA PRO C 182 23.21 0.30 -17.86
C PRO C 182 24.10 -0.78 -17.22
N ARG C 183 23.53 -1.90 -16.81
CA ARG C 183 24.31 -3.00 -16.24
C ARG C 183 24.07 -4.28 -17.03
N ALA C 184 23.37 -4.13 -18.16
CA ALA C 184 23.02 -5.23 -19.06
C ALA C 184 24.11 -6.27 -19.13
N PRO C 185 25.35 -5.85 -19.40
CA PRO C 185 26.44 -6.82 -19.49
C PRO C 185 26.55 -7.75 -18.28
N ASP C 186 26.56 -7.16 -17.08
CA ASP C 186 26.72 -7.92 -15.86
C ASP C 186 25.48 -8.70 -15.45
N LEU C 187 24.40 -8.49 -16.19
CA LEU C 187 23.12 -9.10 -15.87
C LEU C 187 22.79 -10.39 -16.59
N PHE C 188 23.22 -10.52 -17.84
CA PHE C 188 22.96 -11.74 -18.59
C PHE C 188 23.65 -12.96 -17.98
N PRO C 189 23.26 -14.16 -18.45
CA PRO C 189 23.77 -15.47 -18.04
C PRO C 189 25.24 -15.79 -18.11
N THR C 190 25.91 -15.28 -19.16
CA THR C 190 27.34 -15.42 -19.49
C THR C 190 27.38 -16.25 -20.75
N ASP C 191 26.80 -17.44 -20.68
CA ASP C 191 26.74 -18.32 -21.82
C ASP C 191 25.53 -17.92 -22.66
N PHE C 192 25.02 -16.71 -22.44
CA PHE C 192 23.86 -16.30 -23.19
C PHE C 192 24.21 -16.19 -24.69
N LYS C 193 23.24 -16.53 -25.53
CA LYS C 193 23.35 -16.51 -27.00
C LYS C 193 23.52 -15.04 -27.42
N PHE C 194 22.54 -14.51 -28.16
CA PHE C 194 22.49 -13.10 -28.63
C PHE C 194 22.18 -12.82 -30.09
N ASP C 195 20.90 -12.87 -30.46
CA ASP C 195 20.51 -12.55 -31.83
C ASP C 195 20.87 -11.07 -32.05
N THR C 196 20.81 -10.27 -30.97
CA THR C 196 21.17 -8.85 -30.95
C THR C 196 22.00 -8.75 -29.68
N PRO C 197 23.18 -8.11 -29.74
CA PRO C 197 24.10 -7.94 -28.61
C PRO C 197 23.81 -6.77 -27.73
N VAL C 198 24.40 -6.75 -26.55
CA VAL C 198 24.16 -5.66 -25.60
C VAL C 198 24.40 -4.26 -26.16
N ASP C 199 25.50 -4.06 -26.88
CA ASP C 199 25.76 -2.73 -27.42
C ASP C 199 24.65 -2.33 -28.35
N LYS C 200 23.77 -3.28 -28.66
CA LYS C 200 22.67 -3.02 -29.57
C LYS C 200 21.27 -3.01 -28.94
N LEU C 201 21.16 -3.46 -27.68
CA LEU C 201 19.88 -3.48 -26.98
C LEU C 201 19.25 -2.11 -26.94
N PRO C 202 17.92 -2.03 -27.08
CA PRO C 202 17.26 -0.72 -27.04
C PRO C 202 17.63 0.01 -25.76
N GLN C 203 18.14 1.23 -25.88
CA GLN C 203 18.51 1.99 -24.70
C GLN C 203 17.29 2.35 -23.86
N LEU C 204 16.15 2.54 -24.56
CA LEU C 204 14.84 2.93 -24.00
C LEU C 204 14.72 4.35 -23.44
N VAL D 12 18.37 18.42 20.10
CA VAL D 12 17.39 17.36 20.42
C VAL D 12 16.96 16.93 21.86
N ASP D 13 17.65 15.96 22.48
CA ASP D 13 17.34 15.44 23.84
C ASP D 13 17.48 13.92 23.79
N LEU D 14 18.71 13.46 23.79
CA LEU D 14 18.97 12.06 23.73
C LEU D 14 18.32 11.24 24.85
N SER D 15 17.82 11.89 25.90
CA SER D 15 17.17 11.20 27.00
C SER D 15 15.77 10.81 26.55
N LYS D 16 15.17 11.62 25.68
CA LYS D 16 13.82 11.37 25.17
C LYS D 16 13.78 10.86 23.72
N HIS D 17 14.68 11.34 22.88
CA HIS D 17 14.75 10.91 21.48
C HIS D 17 16.12 10.32 21.26
N PRO D 18 16.39 9.13 21.80
CA PRO D 18 17.70 8.48 21.65
C PRO D 18 18.08 8.26 20.20
N SER D 19 17.08 8.18 19.32
CA SER D 19 17.36 8.01 17.90
C SER D 19 18.12 9.24 17.43
N GLY D 20 17.83 10.37 18.05
CA GLY D 20 18.47 11.61 17.64
C GLY D 20 17.61 12.32 16.62
N ILE D 21 16.45 11.75 16.35
CA ILE D 21 15.52 12.30 15.36
C ILE D 21 14.23 12.46 16.14
N VAL D 22 13.52 13.56 15.87
CA VAL D 22 12.27 13.84 16.55
C VAL D 22 11.27 13.94 15.43
N PRO D 23 10.25 13.08 15.46
CA PRO D 23 9.23 13.11 14.42
C PRO D 23 8.59 14.51 14.29
N THR D 24 8.58 15.07 13.09
CA THR D 24 7.94 16.37 12.88
C THR D 24 6.42 16.14 12.62
N LEU D 25 5.55 16.69 13.48
CA LEU D 25 4.10 16.52 13.36
C LEU D 25 3.64 17.16 12.05
N GLN D 26 2.70 16.48 11.38
CA GLN D 26 2.21 16.88 10.06
C GLN D 26 0.73 17.13 9.88
N ASN D 27 -0.09 16.63 10.77
CA ASN D 27 -1.48 16.87 10.59
C ASN D 27 -2.14 16.43 11.87
N ILE D 28 -2.95 17.30 12.45
CA ILE D 28 -3.66 16.97 13.67
C ILE D 28 -5.15 17.02 13.40
N VAL D 29 -5.88 16.04 13.88
CA VAL D 29 -7.32 16.00 13.71
C VAL D 29 -7.95 16.07 15.09
N SER D 30 -8.73 17.11 15.29
CA SER D 30 -9.44 17.36 16.54
C SER D 30 -10.93 17.55 16.27
N THR D 31 -11.75 17.30 17.28
CA THR D 31 -13.19 17.51 17.15
C THR D 31 -13.57 18.45 18.27
N VAL D 32 -14.64 19.21 18.04
CA VAL D 32 -15.17 20.14 19.03
C VAL D 32 -16.68 20.26 18.81
N ASN D 33 -17.43 20.34 19.90
CA ASN D 33 -18.88 20.46 19.86
C ASN D 33 -19.27 21.91 20.18
N LEU D 34 -19.88 22.59 19.22
CA LEU D 34 -20.31 23.97 19.41
C LEU D 34 -21.58 24.14 20.23
N ASP D 35 -22.30 23.05 20.46
CA ASP D 35 -23.56 23.05 21.20
C ASP D 35 -24.70 23.52 20.30
N CYS D 36 -24.64 24.76 19.83
CA CYS D 36 -25.68 25.31 18.96
C CYS D 36 -25.97 24.45 17.72
N LYS D 37 -27.24 24.27 17.38
CA LYS D 37 -27.57 23.51 16.19
C LYS D 37 -27.39 24.49 15.04
N LEU D 38 -26.53 24.13 14.08
CA LEU D 38 -26.27 25.01 12.95
C LEU D 38 -27.22 24.88 11.75
N ASP D 39 -27.31 25.97 10.98
CA ASP D 39 -28.11 26.10 9.77
C ASP D 39 -27.04 26.08 8.67
N LEU D 40 -26.69 24.90 8.16
CA LEU D 40 -25.67 24.82 7.13
C LEU D 40 -26.10 25.60 5.91
N LYS D 41 -27.39 25.53 5.61
CA LYS D 41 -27.95 26.26 4.48
C LYS D 41 -27.57 27.76 4.63
N ALA D 42 -27.79 28.28 5.85
CA ALA D 42 -27.48 29.66 6.15
C ALA D 42 -26.01 29.78 6.00
N ILE D 43 -25.28 29.27 6.99
CA ILE D 43 -23.81 29.30 7.06
C ILE D 43 -23.12 29.23 5.69
N ALA D 44 -23.75 28.53 4.75
CA ALA D 44 -23.21 28.41 3.41
C ALA D 44 -23.29 29.75 2.71
N LEU D 45 -24.50 30.32 2.71
CA LEU D 45 -24.79 31.60 2.06
C LEU D 45 -23.94 32.82 2.43
N GLN D 46 -23.39 32.84 3.63
CA GLN D 46 -22.57 33.99 3.99
C GLN D 46 -21.13 33.70 4.37
N ALA D 47 -20.86 32.50 4.89
CA ALA D 47 -19.50 32.17 5.29
C ALA D 47 -18.50 32.58 4.22
N ARG D 48 -18.68 32.15 2.97
CA ARG D 48 -17.76 32.56 1.87
C ARG D 48 -16.38 31.85 1.84
N ASN D 49 -15.88 31.45 3.01
CA ASN D 49 -14.63 30.70 3.10
C ASN D 49 -15.04 29.23 3.24
N ALA D 50 -16.35 29.03 3.33
CA ALA D 50 -16.99 27.73 3.47
C ALA D 50 -17.17 27.09 2.11
N GLU D 51 -18.00 26.07 2.07
CA GLU D 51 -18.26 25.34 0.86
C GLU D 51 -19.22 24.28 1.35
N TYR D 52 -20.48 24.39 0.97
CA TYR D 52 -21.46 23.41 1.40
C TYR D 52 -22.12 22.79 0.21
N ASN D 53 -22.08 21.47 0.17
CA ASN D 53 -22.72 20.76 -0.93
C ASN D 53 -23.46 19.57 -0.37
N PRO D 54 -24.76 19.76 -0.12
CA PRO D 54 -25.67 18.76 0.42
C PRO D 54 -25.56 17.50 -0.38
N LYS D 55 -25.12 17.68 -1.61
CA LYS D 55 -24.95 16.61 -2.57
C LYS D 55 -23.96 15.51 -2.15
N ARG D 56 -22.68 15.85 -2.02
CA ARG D 56 -21.69 14.88 -1.62
C ARG D 56 -21.55 14.76 -0.11
N PHE D 57 -21.14 15.86 0.54
CA PHE D 57 -20.95 15.81 2.00
C PHE D 57 -21.84 16.71 2.85
N ALA D 58 -22.57 16.07 3.76
CA ALA D 58 -23.50 16.72 4.69
C ALA D 58 -22.82 17.46 5.84
N ALA D 59 -22.04 18.48 5.50
CA ALA D 59 -21.33 19.27 6.49
C ALA D 59 -20.74 20.44 5.72
N VAL D 60 -20.75 21.63 6.30
CA VAL D 60 -20.16 22.78 5.63
C VAL D 60 -18.66 22.52 5.75
N ILE D 61 -17.91 22.83 4.68
CA ILE D 61 -16.46 22.62 4.67
C ILE D 61 -15.82 24.00 4.59
N MET D 62 -15.45 24.54 5.74
CA MET D 62 -14.88 25.88 5.76
C MET D 62 -13.41 25.81 6.00
N ARG D 63 -12.64 26.73 5.44
CA ARG D 63 -11.20 26.72 5.63
C ARG D 63 -10.68 28.13 5.98
N ILE D 64 -9.56 28.23 6.71
CA ILE D 64 -8.98 29.53 7.07
C ILE D 64 -7.48 29.59 6.89
N ARG D 65 -6.96 30.74 6.48
CA ARG D 65 -5.51 30.89 6.34
C ARG D 65 -5.06 31.17 7.78
N GLU D 66 -3.96 30.55 8.19
CA GLU D 66 -3.39 30.73 9.55
C GLU D 66 -4.26 30.50 10.80
N PRO D 67 -4.21 29.30 11.39
CA PRO D 67 -3.38 28.20 10.89
C PRO D 67 -4.15 27.50 9.76
N LYS D 68 -3.46 27.23 8.64
CA LYS D 68 -4.06 26.58 7.46
C LYS D 68 -4.71 25.28 7.85
N THR D 69 -6.01 25.36 8.13
CA THR D 69 -6.78 24.21 8.56
C THR D 69 -8.02 24.12 7.72
N THR D 70 -8.79 23.04 7.91
CA THR D 70 -10.08 22.79 7.23
C THR D 70 -11.02 22.19 8.26
N ALA D 71 -12.26 22.64 8.25
CA ALA D 71 -13.24 22.19 9.21
C ALA D 71 -14.46 21.64 8.52
N LEU D 72 -15.06 20.64 9.13
CA LEU D 72 -16.26 20.03 8.60
C LEU D 72 -17.21 20.39 9.72
N ILE D 73 -18.31 21.06 9.39
CA ILE D 73 -19.28 21.49 10.39
C ILE D 73 -20.61 20.84 10.12
N PHE D 74 -21.21 20.26 11.15
CA PHE D 74 -22.49 19.60 11.00
C PHE D 74 -23.60 20.36 11.73
N ALA D 75 -24.85 20.15 11.33
CA ALA D 75 -25.97 20.83 11.97
C ALA D 75 -26.29 20.22 13.34
N SER D 76 -25.28 20.12 14.17
CA SER D 76 -25.46 19.55 15.50
C SER D 76 -24.51 20.23 16.47
N GLY D 77 -23.69 21.12 15.91
CA GLY D 77 -22.73 21.82 16.73
C GLY D 77 -21.39 21.20 16.52
N LYS D 78 -21.37 19.89 16.29
CA LYS D 78 -20.13 19.14 16.08
C LYS D 78 -19.28 19.52 14.83
N MET D 79 -18.05 19.94 15.11
CA MET D 79 -17.07 20.42 14.14
C MET D 79 -15.86 19.52 14.26
N VAL D 80 -15.09 19.48 13.19
CA VAL D 80 -13.92 18.64 13.12
C VAL D 80 -12.87 19.53 12.49
N CYS D 81 -11.72 19.67 13.14
CA CYS D 81 -10.66 20.50 12.59
C CYS D 81 -9.51 19.61 12.10
N THR D 82 -9.04 19.85 10.89
CA THR D 82 -7.98 19.02 10.36
C THR D 82 -7.02 19.90 9.65
N GLY D 83 -5.78 19.45 9.51
CA GLY D 83 -4.78 20.23 8.79
C GLY D 83 -3.75 20.91 9.65
N ALA D 84 -4.12 21.25 10.88
CA ALA D 84 -3.20 21.93 11.79
C ALA D 84 -1.94 21.10 12.00
N LYS D 85 -0.81 21.77 12.10
CA LYS D 85 0.44 21.08 12.25
C LYS D 85 0.82 21.03 13.69
N SER D 86 -0.16 21.13 14.60
CA SER D 86 0.10 21.16 16.04
C SER D 86 -1.17 21.27 16.84
N GLU D 87 -1.21 20.53 17.93
CA GLU D 87 -2.40 20.49 18.77
C GLU D 87 -2.89 21.85 19.12
N ASP D 88 -2.08 22.57 19.85
CA ASP D 88 -2.45 23.90 20.22
C ASP D 88 -2.98 24.61 18.99
N PHE D 89 -2.32 24.48 17.84
CA PHE D 89 -2.77 25.12 16.62
C PHE D 89 -4.06 24.57 16.14
N SER D 90 -4.29 23.29 16.37
CA SER D 90 -5.51 22.64 15.96
C SER D 90 -6.62 23.20 16.81
N LYS D 91 -6.27 23.41 18.08
CA LYS D 91 -7.14 23.94 19.11
C LYS D 91 -7.47 25.37 18.71
N MET D 92 -6.42 26.19 18.53
CA MET D 92 -6.57 27.58 18.14
C MET D 92 -7.57 27.70 16.99
N ALA D 93 -7.21 27.18 15.82
CA ALA D 93 -8.07 27.22 14.64
C ALA D 93 -9.50 26.81 14.98
N ALA D 94 -9.65 25.81 15.83
CA ALA D 94 -10.97 25.33 16.22
C ALA D 94 -11.73 26.44 16.92
N ARG D 95 -11.02 27.29 17.67
CA ARG D 95 -11.69 28.40 18.32
C ARG D 95 -12.13 29.34 17.18
N LYS D 96 -11.19 29.80 16.35
CA LYS D 96 -11.51 30.69 15.22
C LYS D 96 -12.72 30.27 14.39
N TYR D 97 -12.98 28.97 14.30
CA TYR D 97 -14.13 28.47 13.53
C TYR D 97 -15.39 28.81 14.30
N ALA D 98 -15.39 28.47 15.59
CA ALA D 98 -16.52 28.75 16.44
C ALA D 98 -16.84 30.24 16.45
N ARG D 99 -15.81 31.07 16.54
CA ARG D 99 -15.99 32.52 16.55
C ARG D 99 -16.54 32.97 15.21
N ILE D 100 -16.32 32.18 14.16
CA ILE D 100 -16.88 32.53 12.86
C ILE D 100 -18.37 32.20 12.95
N VAL D 101 -18.66 30.94 13.27
CA VAL D 101 -20.04 30.49 13.41
C VAL D 101 -20.77 31.44 14.35
N GLN D 102 -20.03 31.91 15.35
CA GLN D 102 -20.58 32.81 16.35
C GLN D 102 -20.93 34.10 15.66
N LYS D 103 -19.96 34.70 14.97
CA LYS D 103 -20.18 35.96 14.26
C LYS D 103 -21.23 35.83 13.14
N LEU D 104 -21.82 34.64 13.00
CA LEU D 104 -22.86 34.44 11.99
C LEU D 104 -24.24 34.45 12.61
N GLY D 105 -24.28 34.39 13.93
CA GLY D 105 -25.54 34.39 14.64
C GLY D 105 -25.88 33.12 15.38
N PHE D 106 -24.86 32.35 15.75
CA PHE D 106 -25.11 31.10 16.44
C PHE D 106 -24.51 31.03 17.84
N PRO D 107 -25.21 30.34 18.76
CA PRO D 107 -24.86 30.12 20.18
C PRO D 107 -23.58 29.31 20.44
N ALA D 108 -22.57 29.48 19.59
CA ALA D 108 -21.32 28.76 19.71
C ALA D 108 -20.79 28.54 21.14
N LYS D 109 -20.46 27.31 21.44
CA LYS D 109 -19.90 26.94 22.73
C LYS D 109 -18.74 25.99 22.43
N PHE D 110 -17.60 26.21 23.05
CA PHE D 110 -16.44 25.34 22.81
C PHE D 110 -16.43 24.11 23.71
N LYS D 111 -17.53 23.36 23.74
CA LYS D 111 -17.61 22.17 24.57
C LYS D 111 -16.93 20.92 24.02
N ASP D 112 -16.28 20.17 24.91
CA ASP D 112 -15.65 18.90 24.56
C ASP D 112 -14.45 18.76 23.63
N PHE D 113 -13.83 19.84 23.19
CA PHE D 113 -12.67 19.76 22.30
C PHE D 113 -11.69 18.63 22.64
N LYS D 114 -11.24 17.88 21.63
CA LYS D 114 -10.33 16.75 21.84
C LYS D 114 -9.48 16.54 20.60
N ILE D 115 -8.26 16.02 20.81
CA ILE D 115 -7.28 15.69 19.77
C ILE D 115 -7.57 14.23 19.51
N GLN D 116 -7.79 13.88 18.25
CA GLN D 116 -8.16 12.51 17.84
C GLN D 116 -7.11 11.68 17.09
N ASN D 117 -6.22 12.38 16.37
CA ASN D 117 -5.21 11.71 15.60
C ASN D 117 -4.05 12.66 15.28
N ILE D 118 -2.85 12.22 15.57
CA ILE D 118 -1.66 12.99 15.28
C ILE D 118 -0.89 12.15 14.24
N VAL D 119 -0.68 12.76 13.07
CA VAL D 119 0.04 12.18 11.95
C VAL D 119 1.36 12.90 12.05
N GLY D 120 2.46 12.19 11.88
CA GLY D 120 3.75 12.83 11.94
C GLY D 120 4.60 12.08 10.95
N SER D 121 5.75 12.64 10.58
CA SER D 121 6.65 11.97 9.66
C SER D 121 8.10 12.05 10.16
N CYS D 122 9.00 11.37 9.45
CA CYS D 122 10.37 11.23 9.90
C CYS D 122 11.27 10.81 8.72
N ASP D 123 12.60 10.87 8.89
CA ASP D 123 13.59 10.46 7.87
C ASP D 123 14.80 9.87 8.56
N VAL D 124 14.96 8.56 8.46
CA VAL D 124 16.07 7.88 9.10
C VAL D 124 17.40 8.25 8.47
N LYS D 125 17.33 8.81 7.27
CA LYS D 125 18.51 9.23 6.50
C LYS D 125 19.32 8.08 5.83
N PHE D 126 18.80 6.85 5.93
CA PHE D 126 19.40 5.69 5.30
C PHE D 126 18.30 4.82 4.69
N PRO D 127 18.56 4.15 3.56
CA PRO D 127 17.61 3.29 2.85
C PRO D 127 17.33 2.03 3.66
N ILE D 128 16.18 1.40 3.42
CA ILE D 128 15.88 0.25 4.24
C ILE D 128 15.56 -1.04 3.49
N ARG D 129 16.08 -2.16 3.98
CA ARG D 129 15.80 -3.43 3.36
C ARG D 129 14.44 -3.88 3.88
N LEU D 130 13.37 -3.39 3.27
CA LEU D 130 12.01 -3.72 3.72
C LEU D 130 11.73 -5.19 3.87
N GLU D 131 12.11 -5.98 2.87
CA GLU D 131 11.87 -7.40 2.93
C GLU D 131 12.43 -8.08 4.18
N GLY D 132 13.61 -7.69 4.60
CA GLY D 132 14.16 -8.30 5.77
C GLY D 132 13.32 -7.93 6.99
N LEU D 133 12.77 -6.71 6.98
CA LEU D 133 11.93 -6.27 8.09
C LEU D 133 10.57 -6.95 7.98
N ALA D 134 10.01 -7.04 6.76
CA ALA D 134 8.69 -7.66 6.56
C ALA D 134 8.71 -9.11 6.95
N TYR D 135 9.89 -9.70 6.77
CA TYR D 135 10.12 -11.09 7.10
C TYR D 135 10.39 -11.31 8.58
N SER D 136 11.13 -10.40 9.19
CA SER D 136 11.47 -10.52 10.60
C SER D 136 10.36 -10.14 11.57
N HIS D 137 9.54 -9.15 11.19
CA HIS D 137 8.41 -8.70 12.01
C HIS D 137 7.09 -9.08 11.36
N ALA D 138 7.03 -10.33 10.92
CA ALA D 138 5.92 -10.91 10.24
C ALA D 138 4.64 -10.58 10.93
N ALA D 139 4.63 -10.76 12.24
CA ALA D 139 3.43 -10.47 13.03
C ALA D 139 2.96 -9.00 12.91
N PHE D 140 3.89 -8.07 12.70
CA PHE D 140 3.52 -6.67 12.62
C PHE D 140 3.60 -6.02 11.29
N SER D 141 4.11 -6.71 10.28
CA SER D 141 4.25 -6.02 9.02
C SER D 141 3.48 -6.55 7.83
N SER D 142 3.06 -5.65 6.94
CA SER D 142 2.35 -6.03 5.73
C SER D 142 3.07 -5.34 4.58
N TYR D 143 3.74 -6.09 3.73
CA TYR D 143 4.50 -5.51 2.65
C TYR D 143 4.21 -6.10 1.29
N GLU D 144 3.23 -5.54 0.63
CA GLU D 144 2.82 -5.99 -0.68
C GLU D 144 3.08 -4.89 -1.69
N PRO D 145 4.20 -4.97 -2.43
CA PRO D 145 4.53 -3.94 -3.42
C PRO D 145 3.41 -3.77 -4.43
N GLU D 146 2.52 -4.75 -4.44
CA GLU D 146 1.42 -4.77 -5.35
C GLU D 146 0.26 -3.92 -4.94
N LEU D 147 0.19 -3.63 -3.65
CA LEU D 147 -0.93 -2.89 -3.13
C LEU D 147 -0.60 -1.47 -2.67
N PHE D 148 0.64 -1.29 -2.26
CA PHE D 148 1.10 -0.01 -1.79
C PHE D 148 2.61 -0.21 -1.60
N PRO D 149 3.45 0.73 -2.09
CA PRO D 149 4.92 0.69 -2.02
C PRO D 149 5.57 0.82 -0.67
N GLY D 150 4.75 0.84 0.37
CA GLY D 150 5.25 0.95 1.72
C GLY D 150 4.96 -0.28 2.52
N LEU D 151 5.75 -0.41 3.56
CA LEU D 151 5.64 -1.50 4.50
C LEU D 151 4.76 -0.93 5.64
N ILE D 152 3.51 -1.36 5.72
CA ILE D 152 2.59 -0.93 6.78
C ILE D 152 2.86 -1.71 8.06
N TYR D 153 3.54 -1.10 9.01
CA TYR D 153 3.87 -1.77 10.26
C TYR D 153 2.83 -1.39 11.28
N ARG D 154 2.37 -2.34 12.07
CA ARG D 154 1.37 -2.08 13.12
C ARG D 154 1.95 -2.33 14.52
N MET D 155 2.48 -1.28 15.13
CA MET D 155 3.09 -1.37 16.45
C MET D 155 2.29 -1.89 17.58
N LYS D 156 2.97 -2.77 18.31
CA LYS D 156 2.44 -3.42 19.49
C LYS D 156 1.92 -2.35 20.45
N VAL D 157 2.84 -1.64 21.10
CA VAL D 157 2.51 -0.56 22.01
C VAL D 157 3.54 0.51 21.71
N PRO D 158 3.10 1.75 21.41
CA PRO D 158 1.70 2.18 21.34
C PRO D 158 0.99 1.72 20.10
N LYS D 159 -0.32 1.84 20.08
CA LYS D 159 -1.13 1.39 18.94
C LYS D 159 -1.12 2.42 17.81
N ILE D 160 0.07 2.59 17.23
CA ILE D 160 0.26 3.53 16.15
C ILE D 160 0.72 2.73 14.92
N VAL D 161 0.35 3.20 13.72
CA VAL D 161 0.73 2.53 12.48
C VAL D 161 1.83 3.36 11.88
N LEU D 162 2.92 2.72 11.50
CA LEU D 162 4.05 3.38 10.88
C LEU D 162 3.94 2.92 9.43
N LEU D 163 4.70 3.51 8.52
CA LEU D 163 4.64 3.10 7.13
C LEU D 163 6.07 3.25 6.66
N ILE D 164 6.90 2.26 6.93
CA ILE D 164 8.28 2.36 6.50
C ILE D 164 8.38 2.28 4.99
N PHE D 165 9.37 2.98 4.44
CA PHE D 165 9.65 2.98 3.02
C PHE D 165 11.15 2.66 2.85
N VAL D 166 11.57 2.46 1.61
CA VAL D 166 12.97 2.11 1.28
C VAL D 166 13.97 3.25 1.47
N SER D 167 13.48 4.48 1.33
CA SER D 167 14.28 5.68 1.46
C SER D 167 14.65 6.06 2.93
N GLY D 168 13.82 5.67 3.89
CA GLY D 168 14.12 5.98 5.25
C GLY D 168 13.08 6.95 5.73
N LYS D 169 12.20 7.40 4.86
CA LYS D 169 11.18 8.32 5.30
C LYS D 169 10.18 7.45 6.02
N ILE D 170 9.74 7.91 7.18
CA ILE D 170 8.76 7.20 7.96
C ILE D 170 7.50 8.10 8.01
N VAL D 171 6.37 7.50 8.37
CA VAL D 171 5.09 8.19 8.52
C VAL D 171 4.50 7.34 9.62
N ILE D 172 4.14 8.00 10.74
CA ILE D 172 3.62 7.36 11.95
C ILE D 172 2.24 7.90 12.34
N THR D 173 1.16 7.21 11.97
CA THR D 173 -0.19 7.67 12.33
C THR D 173 -0.87 6.96 13.50
N GLY D 174 -1.99 7.56 13.94
CA GLY D 174 -2.83 7.01 14.99
C GLY D 174 -2.69 7.54 16.39
N ALA D 175 -1.84 8.53 16.57
CA ALA D 175 -1.61 9.08 17.89
C ALA D 175 -2.61 10.10 18.40
N LYS D 176 -2.96 10.01 19.68
CA LYS D 176 -3.85 10.99 20.31
C LYS D 176 -3.01 11.93 21.15
N MET D 177 -1.78 11.50 21.42
CA MET D 177 -0.86 12.25 22.25
C MET D 177 0.47 12.17 21.56
N ARG D 178 0.99 13.33 21.16
CA ARG D 178 2.26 13.43 20.45
C ARG D 178 3.35 12.52 20.97
N ASP D 179 3.33 12.21 22.26
CA ASP D 179 4.35 11.33 22.88
C ASP D 179 4.23 9.85 22.45
N GLU D 180 3.02 9.42 22.13
CA GLU D 180 2.84 8.06 21.65
C GLU D 180 3.65 8.01 20.37
N THR D 181 3.47 9.04 19.53
CA THR D 181 4.23 9.17 18.28
C THR D 181 5.70 8.94 18.56
N TYR D 182 6.26 9.65 19.56
CA TYR D 182 7.68 9.48 19.88
C TYR D 182 7.99 8.07 20.35
N LYS D 183 7.13 7.51 21.21
CA LYS D 183 7.32 6.14 21.72
C LYS D 183 7.35 5.08 20.60
N ALA D 184 6.66 5.37 19.50
CA ALA D 184 6.62 4.46 18.35
C ALA D 184 7.96 4.50 17.63
N PHE D 185 8.36 5.68 17.19
CA PHE D 185 9.60 5.81 16.46
C PHE D 185 10.78 5.26 17.23
N GLU D 186 10.92 5.60 18.49
CA GLU D 186 12.06 5.09 19.21
C GLU D 186 12.01 3.58 19.33
N ASN D 187 10.80 3.06 19.33
CA ASN D 187 10.57 1.62 19.39
C ASN D 187 11.10 0.91 18.12
N ILE D 188 10.69 1.44 16.98
CA ILE D 188 11.01 0.95 15.65
C ILE D 188 12.39 1.37 15.11
N TYR D 189 12.98 2.42 15.66
CA TYR D 189 14.29 2.89 15.16
C TYR D 189 15.40 1.84 15.17
N PRO D 190 15.55 1.12 16.30
CA PRO D 190 16.62 0.12 16.26
C PRO D 190 16.26 -1.12 15.38
N VAL D 191 15.03 -1.17 14.85
CA VAL D 191 14.63 -2.25 13.94
C VAL D 191 15.01 -1.68 12.60
N LEU D 192 14.67 -0.42 12.38
CA LEU D 192 15.04 0.19 11.11
C LEU D 192 16.58 0.10 10.99
N SER D 193 17.30 0.61 11.97
CA SER D 193 18.76 0.50 11.88
C SER D 193 19.27 -0.92 11.58
N GLU D 194 18.72 -1.94 12.23
CA GLU D 194 19.18 -3.27 11.95
C GLU D 194 18.99 -3.62 10.46
N PHE D 195 17.86 -3.28 9.88
CA PHE D 195 17.66 -3.62 8.48
C PHE D 195 18.11 -2.54 7.49
N ARG D 196 19.09 -1.72 7.88
CA ARG D 196 19.61 -0.68 6.99
C ARG D 196 20.17 -1.34 5.74
N LYS D 197 20.05 -0.70 4.59
CA LYS D 197 20.59 -1.32 3.39
C LYS D 197 22.13 -1.24 3.34
N ILE D 198 22.76 -2.43 3.41
CA ILE D 198 24.22 -2.72 3.35
C ILE D 198 25.11 -1.56 2.87
#